data_7ZQJ
#
_entry.id   7ZQJ
#
_cell.length_a   50.793
_cell.length_b   65.977
_cell.length_c   122.837
_cell.angle_alpha   90.00
_cell.angle_beta   90.00
_cell.angle_gamma   90.00
#
_symmetry.space_group_name_H-M   'P 21 21 21'
#
loop_
_entity.id
_entity.type
_entity.pdbx_description
1 polymer 'MHC class I antigen'
2 polymer Beta-2-microglobulin
3 polymer 'Uncharacterized protein Rv3403c'
4 non-polymer 'ACETATE ION'
5 non-polymer 'SULFATE ION'
6 water water
#
loop_
_entity_poly.entity_id
_entity_poly.type
_entity_poly.pdbx_seq_one_letter_code
_entity_poly.pdbx_strand_id
1 'polypeptide(L)'
;MVLHSLHYLDVAVSEPSPGIPQFVAMGFVDGIPFTRYDSERGRMEPLTEWIKDSADPEYWDSQTQIGVGSQHVYARSLET
LRERYNQSGGLHTVLRVYGCELLSDGSVRGSERFGYDGRDFISFDLESGRFMAADSAAEITRRRWEHEGIVAERQTNYLK
HECPEWLQKYVGYGQKELERKEPPDVHVSGKEEHGTLILSCHAYGFYPKTIAVNWMKGDEIWDQETEWGGVVPNSDGTFH
TWARIEALPEEREQYRCRVEHPGMPEPGIFAWEPT
;
A
2 'polypeptide(L)'
;MHHHHHHSSGVDLGTENLYFQSMAGEAPKVEVYARSRAEEGKENILHCFITGFHPPKIDVELLKNGEPMPGVTYGDLSFN
DKWQFQRLVYVPFIPTREDIFTCRVAHSTMPEPRSYRWEPDF
;
B
3 'polypeptide(L)' MTMITPPTF F
#
loop_
_chem_comp.id
_chem_comp.type
_chem_comp.name
_chem_comp.formula
ACT non-polymer 'ACETATE ION' 'C2 H3 O2 -1'
SO4 non-polymer 'SULFATE ION' 'O4 S -2'
#
# COMPACT_ATOMS: atom_id res chain seq x y z
N MET A 1 -7.72 16.94 -14.07
CA MET A 1 -6.94 16.33 -12.96
C MET A 1 -7.90 15.56 -12.04
N VAL A 2 -7.34 14.65 -11.24
CA VAL A 2 -8.06 13.88 -10.20
C VAL A 2 -8.05 14.69 -8.90
N LEU A 3 -9.22 15.09 -8.43
CA LEU A 3 -9.40 15.79 -7.12
C LEU A 3 -9.44 14.75 -5.99
N HIS A 4 -10.22 13.68 -6.18
CA HIS A 4 -10.53 12.66 -5.15
C HIS A 4 -10.84 11.30 -5.79
N SER A 5 -10.59 10.24 -5.04
CA SER A 5 -10.77 8.82 -5.45
C SER A 5 -11.44 8.06 -4.30
N LEU A 6 -12.35 7.16 -4.64
CA LEU A 6 -12.83 6.12 -3.71
C LEU A 6 -12.47 4.79 -4.34
N HIS A 7 -11.68 3.95 -3.67
CA HIS A 7 -11.27 2.62 -4.19
C HIS A 7 -11.49 1.57 -3.10
N TYR A 8 -11.83 0.38 -3.53
CA TYR A 8 -11.97 -0.83 -2.69
C TYR A 8 -11.00 -1.82 -3.27
N LEU A 9 -10.20 -2.41 -2.38
CA LEU A 9 -9.35 -3.58 -2.68
C LEU A 9 -9.93 -4.77 -1.93
N ASP A 10 -10.20 -5.84 -2.66
CA ASP A 10 -10.69 -7.13 -2.11
C ASP A 10 -9.53 -8.12 -2.17
N VAL A 11 -9.31 -8.89 -1.11
CA VAL A 11 -8.41 -10.07 -1.16
C VAL A 11 -9.18 -11.29 -0.66
N ALA A 12 -9.29 -12.31 -1.48
CA ALA A 12 -10.02 -13.54 -1.15
C ALA A 12 -9.03 -14.65 -1.35
N VAL A 13 -8.85 -15.51 -0.37
CA VAL A 13 -7.95 -16.69 -0.48
C VAL A 13 -8.77 -17.97 -0.21
N SER A 14 -8.34 -19.08 -0.81
CA SER A 14 -8.93 -20.44 -0.73
C SER A 14 -8.66 -21.04 0.66
N GLU A 15 -7.56 -20.70 1.31
CA GLU A 15 -7.34 -21.21 2.68
C GLU A 15 -6.67 -20.12 3.50
N PRO A 16 -7.37 -19.63 4.55
CA PRO A 16 -6.81 -18.68 5.50
C PRO A 16 -5.52 -19.15 6.18
N SER A 17 -4.78 -18.19 6.70
CA SER A 17 -3.52 -18.41 7.46
C SER A 17 -3.23 -17.20 8.35
N PRO A 18 -2.31 -17.35 9.34
CA PRO A 18 -1.89 -16.21 10.14
C PRO A 18 -1.71 -14.92 9.32
N GLY A 19 -2.51 -13.89 9.66
CA GLY A 19 -2.52 -12.53 9.08
C GLY A 19 -3.17 -12.46 7.72
N ILE A 20 -3.73 -13.59 7.23
CA ILE A 20 -4.47 -13.69 5.93
C ILE A 20 -5.85 -14.27 6.19
N PRO A 21 -6.83 -13.42 6.49
CA PRO A 21 -8.23 -13.86 6.52
C PRO A 21 -8.69 -14.52 5.22
N GLN A 22 -9.74 -15.35 5.26
CA GLN A 22 -10.41 -15.85 4.05
C GLN A 22 -10.75 -14.65 3.18
N PHE A 23 -11.19 -13.51 3.75
CA PHE A 23 -11.65 -12.37 2.94
C PHE A 23 -11.44 -11.08 3.69
N VAL A 24 -10.93 -10.11 2.99
CA VAL A 24 -10.68 -8.70 3.46
C VAL A 24 -11.04 -7.76 2.32
N ALA A 25 -11.87 -6.77 2.62
CA ALA A 25 -12.21 -5.61 1.76
C ALA A 25 -11.72 -4.38 2.52
N MET A 26 -11.02 -3.50 1.81
CA MET A 26 -10.48 -2.26 2.39
C MET A 26 -10.93 -1.10 1.52
N GLY A 27 -11.51 -0.06 2.10
CA GLY A 27 -11.81 1.18 1.38
C GLY A 27 -10.72 2.25 1.60
N PHE A 28 -10.46 3.02 0.55
CA PHE A 28 -9.56 4.18 0.52
C PHE A 28 -10.29 5.39 -0.02
N VAL A 29 -10.18 6.52 0.66
CA VAL A 29 -10.48 7.85 0.11
C VAL A 29 -9.13 8.57 -0.06
N ASP A 30 -8.82 8.96 -1.30
CA ASP A 30 -7.62 9.75 -1.70
C ASP A 30 -6.39 8.99 -1.22
N GLY A 31 -6.45 7.66 -1.32
CA GLY A 31 -5.27 6.81 -1.10
C GLY A 31 -5.13 6.38 0.32
N ILE A 32 -6.09 6.75 1.17
CA ILE A 32 -6.00 6.53 2.64
C ILE A 32 -7.08 5.55 3.12
N PRO A 33 -6.72 4.45 3.81
CA PRO A 33 -7.70 3.49 4.29
C PRO A 33 -8.67 4.17 5.25
N PHE A 34 -9.95 3.86 5.11
CA PHE A 34 -10.94 4.43 6.03
C PHE A 34 -11.88 3.36 6.57
N THR A 35 -12.02 2.22 5.88
CA THR A 35 -12.94 1.14 6.30
C THR A 35 -12.31 -0.22 6.04
N ARG A 36 -12.64 -1.22 6.84
CA ARG A 36 -12.24 -2.58 6.50
C ARG A 36 -13.34 -3.57 6.91
N TYR A 37 -13.60 -4.52 6.02
CA TYR A 37 -14.30 -5.77 6.38
C TYR A 37 -13.24 -6.85 6.40
N ASP A 38 -13.26 -7.70 7.40
CA ASP A 38 -12.32 -8.84 7.54
C ASP A 38 -13.15 -10.04 8.00
N SER A 39 -13.00 -11.21 7.38
CA SER A 39 -13.89 -12.37 7.64
C SER A 39 -13.72 -12.92 9.06
N GLU A 40 -12.57 -12.71 9.70
CA GLU A 40 -12.32 -13.12 11.11
C GLU A 40 -13.11 -12.23 12.08
N ARG A 41 -13.09 -10.91 11.88
CA ARG A 41 -13.86 -9.97 12.71
C ARG A 41 -15.35 -10.13 12.40
N GLY A 42 -15.71 -10.40 11.15
CA GLY A 42 -17.11 -10.56 10.72
C GLY A 42 -17.89 -9.25 10.67
N ARG A 43 -17.22 -8.09 10.68
CA ARG A 43 -17.96 -6.80 10.61
C ARG A 43 -17.14 -5.76 9.83
N MET A 44 -17.88 -4.85 9.19
CA MET A 44 -17.28 -3.66 8.53
C MET A 44 -16.90 -2.70 9.66
N GLU A 45 -15.73 -2.11 9.63
CA GLU A 45 -15.34 -1.20 10.74
C GLU A 45 -14.57 0.01 10.25
N PRO A 46 -14.68 1.13 10.99
CA PRO A 46 -14.01 2.37 10.64
C PRO A 46 -12.52 2.23 10.94
N LEU A 47 -11.68 2.76 10.06
CA LEU A 47 -10.23 2.93 10.26
C LEU A 47 -9.88 4.38 10.57
N THR A 48 -10.84 5.32 10.59
CA THR A 48 -10.61 6.76 10.88
C THR A 48 -11.71 7.25 11.79
N GLU A 49 -11.36 8.21 12.65
CA GLU A 49 -12.32 8.94 13.52
C GLU A 49 -13.39 9.57 12.63
N TRP A 50 -13.05 10.05 11.44
CA TRP A 50 -14.04 10.83 10.65
C TRP A 50 -15.13 9.89 10.11
N ILE A 51 -14.81 8.70 9.70
CA ILE A 51 -15.92 7.83 9.23
C ILE A 51 -16.69 7.31 10.45
N LYS A 52 -16.02 7.06 11.57
CA LYS A 52 -16.72 6.61 12.81
C LYS A 52 -17.74 7.67 13.20
N ASP A 53 -17.33 8.93 13.25
CA ASP A 53 -18.19 10.06 13.73
C ASP A 53 -19.35 10.31 12.76
N SER A 54 -19.17 10.13 11.46
CA SER A 54 -20.20 10.54 10.44
C SER A 54 -21.11 9.38 10.03
N ALA A 55 -20.65 8.15 10.09
CA ALA A 55 -21.48 6.99 9.68
C ALA A 55 -22.53 6.74 10.74
N ASP A 56 -23.73 6.38 10.38
CA ASP A 56 -24.69 5.83 11.38
C ASP A 56 -24.67 4.31 11.28
N PRO A 57 -25.32 3.60 12.24
CA PRO A 57 -25.28 2.14 12.30
C PRO A 57 -25.82 1.37 11.08
N GLU A 58 -26.71 1.96 10.25
CA GLU A 58 -27.19 1.34 8.98
C GLU A 58 -26.03 1.20 7.98
N TYR A 59 -25.07 2.12 8.02
CA TYR A 59 -23.84 2.04 7.22
C TYR A 59 -23.06 0.77 7.62
N TRP A 60 -22.82 0.55 8.91
CA TRP A 60 -21.98 -0.61 9.32
C TRP A 60 -22.77 -1.90 9.08
N ASP A 61 -24.08 -1.88 9.27
CA ASP A 61 -24.92 -3.10 9.16
C ASP A 61 -25.00 -3.52 7.69
N SER A 62 -25.15 -2.57 6.79
CA SER A 62 -25.29 -2.87 5.36
C SER A 62 -23.93 -3.29 4.79
N GLN A 63 -22.86 -2.53 5.07
CA GLN A 63 -21.51 -2.92 4.61
C GLN A 63 -21.15 -4.33 5.10
N THR A 64 -21.53 -4.66 6.33
CA THR A 64 -21.22 -5.95 7.00
C THR A 64 -21.87 -7.04 6.15
N GLN A 65 -23.15 -6.89 5.81
CA GLN A 65 -23.85 -7.90 4.99
C GLN A 65 -23.22 -7.93 3.60
N ILE A 66 -22.73 -6.80 3.11
CA ILE A 66 -22.15 -6.81 1.73
C ILE A 66 -20.80 -7.54 1.78
N GLY A 67 -19.97 -7.32 2.78
CA GLY A 67 -18.74 -8.11 3.03
C GLY A 67 -19.04 -9.60 3.14
N VAL A 68 -19.94 -10.00 4.04
CA VAL A 68 -20.27 -11.45 4.21
C VAL A 68 -20.72 -12.02 2.86
N GLY A 69 -21.61 -11.33 2.16
CA GLY A 69 -22.10 -11.79 0.84
C GLY A 69 -20.95 -11.90 -0.15
N SER A 70 -20.06 -10.91 -0.18
CA SER A 70 -18.82 -10.99 -0.98
C SER A 70 -17.98 -12.23 -0.60
N GLN A 71 -17.77 -12.46 0.67
CA GLN A 71 -17.05 -13.65 1.18
C GLN A 71 -17.61 -14.84 0.41
N HIS A 72 -18.92 -15.00 0.38
CA HIS A 72 -19.55 -16.21 -0.21
C HIS A 72 -19.39 -16.24 -1.74
N VAL A 73 -19.44 -15.11 -2.42
CA VAL A 73 -19.28 -15.07 -3.91
C VAL A 73 -17.83 -15.41 -4.29
N TYR A 74 -16.82 -14.89 -3.57
CA TYR A 74 -15.39 -15.16 -3.87
C TYR A 74 -15.07 -16.62 -3.57
N ALA A 75 -15.64 -17.20 -2.52
CA ALA A 75 -15.52 -18.66 -2.26
C ALA A 75 -15.99 -19.45 -3.49
N ARG A 76 -17.17 -19.15 -4.06
CA ARG A 76 -17.68 -19.86 -5.28
C ARG A 76 -16.81 -19.51 -6.50
N SER A 77 -16.46 -18.26 -6.66
CA SER A 77 -15.52 -17.81 -7.71
C SER A 77 -14.17 -18.57 -7.65
N LEU A 78 -13.60 -18.81 -6.48
CA LEU A 78 -12.34 -19.57 -6.35
C LEU A 78 -12.52 -21.02 -6.82
N GLU A 79 -13.62 -21.70 -6.42
CA GLU A 79 -13.92 -23.11 -6.80
C GLU A 79 -14.00 -23.12 -8.32
N THR A 80 -14.66 -22.11 -8.90
CA THR A 80 -14.92 -22.02 -10.36
C THR A 80 -13.62 -21.86 -11.15
N LEU A 81 -12.75 -20.92 -10.77
CA LEU A 81 -11.45 -20.73 -11.46
C LEU A 81 -10.59 -21.98 -11.22
N ARG A 82 -10.63 -22.56 -10.02
CA ARG A 82 -9.84 -23.79 -9.70
C ARG A 82 -10.17 -24.87 -10.75
N GLU A 83 -11.46 -25.17 -10.97
CA GLU A 83 -11.96 -26.19 -11.95
C GLU A 83 -11.56 -25.75 -13.36
N ARG A 84 -11.73 -24.48 -13.68
CA ARG A 84 -11.57 -23.94 -15.07
C ARG A 84 -10.11 -23.99 -15.55
N TYR A 85 -9.15 -23.62 -14.70
CA TYR A 85 -7.70 -23.64 -15.04
C TYR A 85 -7.09 -25.04 -14.81
N ASN A 86 -7.87 -26.01 -14.34
CA ASN A 86 -7.41 -27.41 -14.10
C ASN A 86 -6.24 -27.42 -13.10
N GLN A 87 -6.45 -26.85 -11.91
CA GLN A 87 -5.45 -26.73 -10.81
C GLN A 87 -5.81 -27.71 -9.69
N SER A 88 -4.83 -28.02 -8.84
CA SER A 88 -4.98 -28.77 -7.56
C SER A 88 -5.20 -27.77 -6.41
N GLY A 89 -5.66 -28.26 -5.24
CA GLY A 89 -6.00 -27.44 -4.06
C GLY A 89 -4.80 -26.63 -3.62
N GLY A 90 -4.93 -25.89 -2.52
CA GLY A 90 -3.82 -25.09 -1.97
C GLY A 90 -4.08 -23.60 -2.12
N LEU A 91 -3.08 -22.77 -1.78
CA LEU A 91 -3.30 -21.31 -1.73
C LEU A 91 -3.60 -20.84 -3.15
N HIS A 92 -4.78 -20.25 -3.33
CA HIS A 92 -5.26 -19.56 -4.56
C HIS A 92 -5.86 -18.24 -4.09
N THR A 93 -5.86 -17.22 -4.94
CA THR A 93 -6.18 -15.84 -4.56
C THR A 93 -6.99 -15.21 -5.69
N VAL A 94 -8.10 -14.61 -5.33
CA VAL A 94 -8.83 -13.64 -6.18
C VAL A 94 -8.71 -12.26 -5.55
N LEU A 95 -8.39 -11.29 -6.40
CA LEU A 95 -8.19 -9.89 -5.99
C LEU A 95 -9.17 -9.04 -6.75
N ARG A 96 -9.64 -7.97 -6.19
CA ARG A 96 -10.40 -7.02 -7.00
C ARG A 96 -10.05 -5.62 -6.54
N VAL A 97 -9.91 -4.72 -7.48
CA VAL A 97 -9.90 -3.26 -7.23
C VAL A 97 -11.11 -2.69 -7.95
N TYR A 98 -11.76 -1.71 -7.37
CA TYR A 98 -12.79 -0.98 -8.10
C TYR A 98 -12.97 0.36 -7.43
N GLY A 99 -13.46 1.35 -8.17
CA GLY A 99 -13.65 2.67 -7.58
C GLY A 99 -13.78 3.71 -8.66
N CYS A 100 -13.99 4.96 -8.23
CA CYS A 100 -14.18 6.09 -9.15
C CYS A 100 -13.27 7.24 -8.73
N GLU A 101 -13.09 8.21 -9.64
CA GLU A 101 -12.24 9.40 -9.44
C GLU A 101 -13.05 10.60 -9.90
N LEU A 102 -12.98 11.68 -9.13
CA LEU A 102 -13.67 12.95 -9.47
C LEU A 102 -12.62 13.84 -10.13
N LEU A 103 -12.89 14.26 -11.37
CA LEU A 103 -11.94 15.00 -12.23
C LEU A 103 -12.24 16.51 -12.17
N SER A 104 -11.18 17.29 -12.35
CA SER A 104 -11.16 18.76 -12.51
C SER A 104 -12.44 19.30 -13.17
N ASP A 105 -12.89 18.74 -14.30
CA ASP A 105 -14.08 19.23 -15.08
C ASP A 105 -15.43 18.70 -14.58
N GLY A 106 -15.49 18.05 -13.41
CA GLY A 106 -16.76 17.50 -12.86
C GLY A 106 -17.15 16.18 -13.51
N SER A 107 -16.19 15.47 -14.10
CA SER A 107 -16.38 14.15 -14.77
C SER A 107 -15.94 13.01 -13.83
N VAL A 108 -16.38 11.80 -14.17
CA VAL A 108 -16.25 10.53 -13.39
C VAL A 108 -15.42 9.52 -14.19
N ARG A 109 -14.23 9.23 -13.74
CA ARG A 109 -13.48 8.03 -14.18
C ARG A 109 -13.80 6.91 -13.18
N GLY A 110 -14.10 5.71 -13.67
CA GLY A 110 -14.25 4.53 -12.81
C GLY A 110 -13.96 3.23 -13.54
N SER A 111 -13.57 2.21 -12.77
CA SER A 111 -13.12 0.89 -13.28
C SER A 111 -13.25 -0.17 -12.19
N GLU A 112 -13.19 -1.41 -12.64
CA GLU A 112 -13.23 -2.60 -11.80
C GLU A 112 -12.28 -3.60 -12.46
N ARG A 113 -11.36 -4.16 -11.71
CA ARG A 113 -10.34 -5.11 -12.25
C ARG A 113 -10.34 -6.34 -11.34
N PHE A 114 -10.26 -7.53 -11.90
CA PHE A 114 -10.07 -8.74 -11.09
C PHE A 114 -8.75 -9.39 -11.47
N GLY A 115 -8.03 -9.88 -10.46
CA GLY A 115 -6.82 -10.68 -10.63
C GLY A 115 -7.01 -12.06 -10.09
N TYR A 116 -6.40 -13.05 -10.67
CA TYR A 116 -6.42 -14.41 -10.10
C TYR A 116 -4.99 -14.91 -10.08
N ASP A 117 -4.57 -15.44 -8.94
CA ASP A 117 -3.24 -16.09 -8.81
C ASP A 117 -2.21 -15.17 -9.44
N GLY A 118 -2.37 -13.86 -9.21
CA GLY A 118 -1.37 -12.83 -9.49
C GLY A 118 -1.33 -12.38 -10.94
N ARG A 119 -2.29 -12.77 -11.79
CA ARG A 119 -2.40 -12.24 -13.19
C ARG A 119 -3.76 -11.59 -13.40
N ASP A 120 -3.90 -10.83 -14.49
CA ASP A 120 -5.21 -10.23 -14.88
C ASP A 120 -6.17 -11.37 -15.15
N PHE A 121 -7.41 -11.26 -14.69
CA PHE A 121 -8.48 -12.20 -15.12
C PHE A 121 -9.43 -11.47 -16.07
N ILE A 122 -10.19 -10.53 -15.54
CA ILE A 122 -11.25 -9.79 -16.27
C ILE A 122 -11.30 -8.36 -15.75
N SER A 123 -11.66 -7.39 -16.58
CA SER A 123 -11.69 -5.96 -16.21
C SER A 123 -12.85 -5.30 -16.94
N PHE A 124 -13.32 -4.20 -16.38
CA PHE A 124 -14.48 -3.43 -16.88
C PHE A 124 -14.05 -1.98 -16.90
N ASP A 125 -14.36 -1.28 -17.98
CA ASP A 125 -14.07 0.17 -18.12
C ASP A 125 -15.41 0.84 -18.41
N LEU A 126 -15.75 1.83 -17.58
CA LEU A 126 -16.95 2.69 -17.71
C LEU A 126 -17.13 3.17 -19.15
N GLU A 127 -16.13 3.85 -19.75
CA GLU A 127 -16.17 4.40 -21.14
C GLU A 127 -16.65 3.32 -22.13
N SER A 128 -15.88 2.23 -22.28
CA SER A 128 -16.15 1.12 -23.24
C SER A 128 -17.47 0.39 -22.88
N GLY A 129 -17.81 0.27 -21.59
CA GLY A 129 -19.01 -0.44 -21.10
C GLY A 129 -18.95 -1.94 -21.40
N ARG A 130 -17.72 -2.45 -21.55
CA ARG A 130 -17.44 -3.88 -21.85
C ARG A 130 -16.22 -4.37 -21.05
N PHE A 131 -16.20 -5.68 -20.91
CA PHE A 131 -15.21 -6.44 -20.16
C PHE A 131 -14.05 -6.79 -21.11
N MET A 132 -12.82 -6.63 -20.64
CA MET A 132 -11.62 -7.23 -21.27
C MET A 132 -11.27 -8.48 -20.48
N ALA A 133 -11.24 -9.66 -21.10
CA ALA A 133 -10.78 -10.94 -20.50
C ALA A 133 -9.30 -11.15 -20.84
N ALA A 134 -8.50 -11.61 -19.87
CA ALA A 134 -7.03 -11.85 -20.02
C ALA A 134 -6.74 -13.06 -20.92
N ASP A 135 -7.62 -14.06 -20.90
CA ASP A 135 -7.36 -15.40 -21.52
C ASP A 135 -8.70 -16.02 -21.85
N SER A 136 -8.67 -17.19 -22.48
CA SER A 136 -9.91 -17.91 -22.87
C SER A 136 -10.78 -18.19 -21.61
N ALA A 137 -10.17 -18.36 -20.44
CA ALA A 137 -10.87 -18.78 -19.19
C ALA A 137 -11.70 -17.64 -18.59
N ALA A 138 -11.26 -16.39 -18.76
CA ALA A 138 -12.03 -15.15 -18.45
C ALA A 138 -13.06 -14.90 -19.58
N GLU A 139 -12.74 -15.25 -20.83
CA GLU A 139 -13.64 -15.10 -22.01
C GLU A 139 -14.94 -15.86 -21.71
N ILE A 140 -14.96 -16.87 -20.85
CA ILE A 140 -16.19 -17.64 -20.47
C ILE A 140 -17.07 -16.77 -19.55
N THR A 141 -16.49 -16.12 -18.57
CA THR A 141 -17.23 -15.18 -17.70
C THR A 141 -17.76 -14.04 -18.58
N ARG A 142 -16.87 -13.42 -19.36
CA ARG A 142 -17.20 -12.26 -20.22
C ARG A 142 -18.41 -12.62 -21.09
N ARG A 143 -18.38 -13.80 -21.73
CA ARG A 143 -19.46 -14.25 -22.64
C ARG A 143 -20.75 -14.39 -21.85
N ARG A 144 -20.69 -14.98 -20.66
CA ARG A 144 -21.90 -15.14 -19.80
C ARG A 144 -22.45 -13.75 -19.43
N TRP A 145 -21.60 -12.89 -18.84
CA TRP A 145 -21.96 -11.51 -18.44
C TRP A 145 -22.45 -10.71 -19.66
N GLU A 146 -21.73 -10.76 -20.78
CA GLU A 146 -22.09 -9.99 -22.00
C GLU A 146 -23.47 -10.44 -22.49
N HIS A 147 -23.80 -11.75 -22.40
CA HIS A 147 -24.98 -12.38 -23.06
C HIS A 147 -26.26 -11.96 -22.35
N GLU A 148 -26.14 -11.52 -21.09
CA GLU A 148 -27.29 -11.34 -20.18
C GLU A 148 -27.60 -9.84 -19.96
N GLY A 149 -26.64 -8.93 -20.21
CA GLY A 149 -26.84 -7.47 -20.08
C GLY A 149 -26.72 -6.98 -18.63
N ILE A 150 -26.95 -7.85 -17.65
CA ILE A 150 -27.22 -7.48 -16.23
C ILE A 150 -25.96 -6.93 -15.54
N VAL A 151 -24.81 -7.63 -15.64
CA VAL A 151 -23.58 -7.29 -14.87
C VAL A 151 -23.07 -5.91 -15.28
N ALA A 152 -23.04 -5.62 -16.58
CA ALA A 152 -22.61 -4.33 -17.17
C ALA A 152 -23.47 -3.22 -16.58
N GLU A 153 -24.79 -3.34 -16.66
CA GLU A 153 -25.74 -2.34 -16.08
C GLU A 153 -25.44 -2.16 -14.58
N ARG A 154 -25.24 -3.22 -13.81
CA ARG A 154 -25.12 -3.12 -12.34
C ARG A 154 -23.79 -2.43 -12.01
N GLN A 155 -22.68 -2.76 -12.69
CA GLN A 155 -21.35 -2.16 -12.40
C GLN A 155 -21.30 -0.67 -12.80
N THR A 156 -21.89 -0.31 -13.93
CA THR A 156 -21.94 1.06 -14.51
C THR A 156 -22.62 1.98 -13.50
N ASN A 157 -23.86 1.61 -13.19
CA ASN A 157 -24.72 2.20 -12.14
C ASN A 157 -23.91 2.45 -10.88
N TYR A 158 -23.24 1.45 -10.38
CA TYR A 158 -22.39 1.65 -9.19
C TYR A 158 -21.26 2.64 -9.53
N LEU A 159 -20.43 2.35 -10.53
CA LEU A 159 -19.18 3.13 -10.79
C LEU A 159 -19.49 4.56 -11.27
N LYS A 160 -20.64 4.79 -11.86
CA LYS A 160 -21.02 6.12 -12.42
C LYS A 160 -21.93 6.91 -11.46
N HIS A 161 -22.76 6.23 -10.66
CA HIS A 161 -23.77 6.88 -9.76
C HIS A 161 -23.39 6.69 -8.28
N GLU A 162 -23.51 5.49 -7.72
CA GLU A 162 -23.43 5.33 -6.24
C GLU A 162 -21.98 5.65 -5.82
N CYS A 163 -20.99 5.15 -6.52
CA CYS A 163 -19.60 5.30 -6.08
C CYS A 163 -19.20 6.78 -5.95
N PRO A 164 -19.32 7.68 -6.95
CA PRO A 164 -19.08 9.10 -6.70
C PRO A 164 -20.06 9.82 -5.75
N GLU A 165 -21.32 9.42 -5.67
CA GLU A 165 -22.23 9.92 -4.62
C GLU A 165 -21.60 9.67 -3.23
N TRP A 166 -21.14 8.46 -2.98
CA TRP A 166 -20.50 8.18 -1.68
C TRP A 166 -19.20 8.99 -1.55
N LEU A 167 -18.38 9.03 -2.59
CA LEU A 167 -17.11 9.81 -2.53
C LEU A 167 -17.38 11.27 -2.09
N GLN A 168 -18.40 11.92 -2.63
CA GLN A 168 -18.72 13.34 -2.28
C GLN A 168 -19.00 13.41 -0.78
N LYS A 169 -19.80 12.48 -0.22
CA LYS A 169 -20.08 12.44 1.23
C LYS A 169 -18.76 12.27 2.02
N TYR A 170 -17.92 11.30 1.65
CA TYR A 170 -16.68 10.98 2.40
C TYR A 170 -15.75 12.21 2.43
N VAL A 171 -15.70 12.98 1.35
CA VAL A 171 -14.87 14.22 1.31
C VAL A 171 -15.51 15.28 2.21
N GLY A 172 -16.84 15.35 2.25
CA GLY A 172 -17.57 16.11 3.28
C GLY A 172 -17.14 15.72 4.69
N TYR A 173 -17.25 14.45 5.07
CA TYR A 173 -16.99 13.96 6.44
C TYR A 173 -15.51 14.04 6.80
N GLY A 174 -14.61 13.85 5.85
CA GLY A 174 -13.17 13.75 6.14
C GLY A 174 -12.36 14.99 5.77
N GLN A 175 -13.01 16.10 5.41
CA GLN A 175 -12.33 17.34 4.91
C GLN A 175 -11.08 17.65 5.76
N LYS A 176 -11.22 17.63 7.08
CA LYS A 176 -10.18 18.08 8.04
C LYS A 176 -8.95 17.18 7.96
N GLU A 177 -9.12 15.85 8.01
CA GLU A 177 -8.01 14.90 7.84
C GLU A 177 -7.49 14.98 6.40
N LEU A 178 -8.36 15.10 5.40
CA LEU A 178 -7.93 14.86 3.99
C LEU A 178 -7.24 16.10 3.40
N GLU A 179 -7.59 17.33 3.81
CA GLU A 179 -7.01 18.62 3.36
C GLU A 179 -5.74 18.98 4.16
N ARG A 180 -5.37 18.19 5.17
CA ARG A 180 -4.34 18.60 6.15
C ARG A 180 -2.98 18.45 5.48
N LYS A 181 -2.04 19.30 5.87
CA LYS A 181 -0.65 19.27 5.38
C LYS A 181 0.24 19.07 6.61
N GLU A 182 1.03 18.01 6.66
CA GLU A 182 2.11 17.85 7.67
C GLU A 182 3.42 17.89 6.90
N PRO A 183 4.31 18.84 7.22
CA PRO A 183 5.59 18.91 6.55
C PRO A 183 6.46 17.76 7.03
N PRO A 184 7.40 17.35 6.17
CA PRO A 184 8.41 16.38 6.54
C PRO A 184 9.31 17.06 7.57
N ASP A 185 9.76 16.28 8.55
CA ASP A 185 10.97 16.59 9.36
C ASP A 185 12.15 16.01 8.58
N VAL A 186 13.11 16.82 8.20
CA VAL A 186 14.17 16.37 7.28
C VAL A 186 15.47 16.30 8.07
N HIS A 187 16.20 15.22 7.87
CA HIS A 187 17.48 15.04 8.56
C HIS A 187 18.43 14.33 7.62
N VAL A 188 19.65 14.84 7.51
CA VAL A 188 20.71 14.23 6.67
C VAL A 188 21.67 13.49 7.60
N SER A 189 21.81 12.18 7.39
CA SER A 189 22.82 11.33 8.05
C SER A 189 23.96 11.14 7.06
N GLY A 190 25.11 10.78 7.59
CA GLY A 190 26.27 10.41 6.77
C GLY A 190 27.10 9.46 7.56
N LYS A 191 27.60 8.42 6.90
CA LYS A 191 28.69 7.53 7.41
C LYS A 191 29.75 7.35 6.31
N GLU A 192 31.05 7.43 6.67
CA GLU A 192 32.16 7.00 5.78
C GLU A 192 32.22 5.48 5.86
N GLU A 193 32.50 4.83 4.71
CA GLU A 193 32.51 3.36 4.48
C GLU A 193 33.41 3.07 3.27
N HIS A 194 34.28 2.06 3.34
CA HIS A 194 35.29 1.71 2.31
C HIS A 194 35.86 2.98 1.65
N GLY A 195 36.04 4.10 2.37
CA GLY A 195 36.54 5.36 1.79
C GLY A 195 35.50 6.22 1.07
N THR A 196 34.22 5.87 1.11
CA THR A 196 33.13 6.68 0.53
C THR A 196 32.22 7.19 1.64
N LEU A 197 31.84 8.44 1.53
CA LEU A 197 30.76 9.04 2.34
C LEU A 197 29.42 8.69 1.71
N ILE A 198 28.55 8.00 2.47
CA ILE A 198 27.14 7.77 2.08
C ILE A 198 26.36 8.84 2.82
N LEU A 199 25.62 9.66 2.09
CA LEU A 199 24.81 10.77 2.62
C LEU A 199 23.37 10.44 2.30
N SER A 200 22.53 10.46 3.31
CA SER A 200 21.13 10.10 3.23
C SER A 200 20.29 11.23 3.76
N CYS A 201 19.34 11.65 2.95
CA CYS A 201 18.34 12.67 3.27
C CYS A 201 17.09 11.90 3.64
N HIS A 202 16.65 12.01 4.89
CA HIS A 202 15.48 11.29 5.42
C HIS A 202 14.40 12.33 5.61
N ALA A 203 13.19 12.02 5.15
CA ALA A 203 12.01 12.88 5.31
C ALA A 203 10.99 12.07 6.07
N TYR A 204 10.61 12.53 7.25
CA TYR A 204 9.79 11.79 8.23
C TYR A 204 8.44 12.46 8.38
N GLY A 205 7.35 11.71 8.37
CA GLY A 205 6.07 12.15 8.94
C GLY A 205 5.33 13.13 8.04
N PHE A 206 5.47 13.08 6.73
CA PHE A 206 4.81 14.11 5.89
C PHE A 206 3.47 13.60 5.36
N TYR A 207 2.61 14.56 5.05
CA TYR A 207 1.29 14.30 4.42
C TYR A 207 0.87 15.56 3.67
N PRO A 208 0.36 15.46 2.43
CA PRO A 208 0.19 14.20 1.71
C PRO A 208 1.49 13.64 1.12
N LYS A 209 1.39 12.58 0.31
CA LYS A 209 2.49 11.73 -0.21
C LYS A 209 3.37 12.58 -1.13
N THR A 210 2.85 13.63 -1.71
CA THR A 210 3.56 14.39 -2.76
C THR A 210 4.81 15.08 -2.19
N ILE A 211 5.99 14.75 -2.71
CA ILE A 211 7.27 15.32 -2.20
C ILE A 211 8.38 15.29 -3.24
N ALA A 212 9.19 16.32 -3.25
CA ALA A 212 10.46 16.45 -4.01
C ALA A 212 11.66 16.36 -3.04
N VAL A 213 12.49 15.35 -3.19
CA VAL A 213 13.74 15.14 -2.41
C VAL A 213 14.83 14.92 -3.44
N ASN A 214 15.76 15.80 -3.57
CA ASN A 214 16.86 15.69 -4.55
C ASN A 214 18.16 16.09 -3.85
N TRP A 215 19.24 15.49 -4.27
CA TRP A 215 20.60 15.94 -3.94
C TRP A 215 21.12 16.92 -4.98
N MET A 216 21.80 17.96 -4.53
CA MET A 216 22.49 18.94 -5.40
C MET A 216 23.99 18.99 -5.07
N LYS A 217 24.78 19.19 -6.10
CA LYS A 217 26.21 19.56 -6.01
C LYS A 217 26.41 20.80 -6.86
N GLY A 218 27.00 21.87 -6.30
CA GLY A 218 27.16 23.13 -7.03
C GLY A 218 25.78 23.63 -7.41
N ASP A 219 25.54 23.95 -8.68
CA ASP A 219 24.24 24.47 -9.15
C ASP A 219 23.42 23.32 -9.76
N GLU A 220 23.98 22.11 -9.88
CA GLU A 220 23.31 20.96 -10.55
C GLU A 220 22.63 20.05 -9.54
N ILE A 221 21.49 19.48 -9.94
CA ILE A 221 20.89 18.26 -9.35
C ILE A 221 21.78 17.08 -9.74
N TRP A 222 22.19 16.28 -8.78
CA TRP A 222 23.20 15.22 -9.00
C TRP A 222 22.40 13.93 -9.12
N ASP A 223 21.35 13.97 -9.94
CA ASP A 223 20.31 12.93 -10.00
C ASP A 223 20.88 11.61 -10.51
N GLN A 224 21.87 11.63 -11.41
CA GLN A 224 22.50 10.39 -11.92
C GLN A 224 23.20 9.62 -10.79
N GLU A 225 23.63 10.26 -9.71
CA GLU A 225 24.33 9.57 -8.61
C GLU A 225 23.36 9.31 -7.44
N THR A 226 22.08 9.61 -7.57
CA THR A 226 21.13 9.50 -6.46
C THR A 226 20.39 8.14 -6.55
N GLU A 227 20.04 7.58 -5.40
CA GLU A 227 19.15 6.41 -5.22
C GLU A 227 18.01 6.93 -4.34
N TRP A 228 16.78 6.61 -4.70
CA TRP A 228 15.60 7.01 -3.92
C TRP A 228 14.90 5.79 -3.35
N GLY A 229 14.34 5.94 -2.15
CA GLY A 229 13.50 4.92 -1.52
C GLY A 229 12.14 5.11 -2.12
N GLY A 230 11.19 4.29 -1.74
CA GLY A 230 9.79 4.65 -2.01
C GLY A 230 9.32 5.83 -1.16
N VAL A 231 8.18 6.39 -1.50
CA VAL A 231 7.31 7.07 -0.52
C VAL A 231 6.47 5.99 0.14
N VAL A 232 6.73 5.72 1.39
CA VAL A 232 6.21 4.54 2.09
C VAL A 232 5.44 5.06 3.29
N PRO A 233 4.37 4.31 3.68
CA PRO A 233 3.50 4.68 4.78
C PRO A 233 4.05 4.42 6.18
N ASN A 234 3.91 5.40 7.08
CA ASN A 234 3.98 5.19 8.54
C ASN A 234 2.66 4.56 9.03
N SER A 235 2.71 3.94 10.21
CA SER A 235 1.57 3.31 10.91
C SER A 235 0.44 4.34 11.17
N ASP A 236 0.75 5.65 11.23
CA ASP A 236 -0.19 6.74 11.62
C ASP A 236 -0.74 7.52 10.37
N GLY A 237 -0.66 7.01 9.16
CA GLY A 237 -1.19 7.67 7.93
C GLY A 237 -0.21 8.65 7.26
N THR A 238 0.87 9.05 7.90
CA THR A 238 1.85 9.96 7.26
C THR A 238 2.77 9.10 6.41
N PHE A 239 3.74 9.70 5.78
CA PHE A 239 4.69 9.06 4.85
C PHE A 239 6.12 9.34 5.30
N HIS A 240 7.01 8.53 4.72
CA HIS A 240 8.47 8.50 4.87
C HIS A 240 9.08 8.34 3.50
N THR A 241 10.20 8.99 3.24
CA THR A 241 11.04 8.65 2.07
C THR A 241 12.48 9.03 2.38
N TRP A 242 13.39 8.71 1.46
CA TRP A 242 14.81 9.10 1.55
C TRP A 242 15.43 9.11 0.16
N ALA A 243 16.63 9.64 0.09
CA ALA A 243 17.45 9.80 -1.12
C ALA A 243 18.89 9.74 -0.62
N ARG A 244 19.74 8.97 -1.29
CA ARG A 244 21.09 8.61 -0.85
C ARG A 244 22.03 8.86 -2.02
N ILE A 245 23.21 9.41 -1.74
CA ILE A 245 24.31 9.60 -2.71
C ILE A 245 25.61 9.23 -2.03
N GLU A 246 26.58 8.88 -2.85
CA GLU A 246 27.96 8.60 -2.46
C GLU A 246 28.79 9.81 -2.83
N ALA A 247 29.69 10.23 -1.96
CA ALA A 247 30.59 11.38 -2.16
C ALA A 247 32.02 11.00 -1.73
N LEU A 248 33.00 11.66 -2.31
CA LEU A 248 34.35 11.75 -1.69
C LEU A 248 34.19 12.47 -0.36
N PRO A 249 34.71 11.95 0.78
CA PRO A 249 34.51 12.62 2.07
C PRO A 249 35.17 14.00 2.16
N GLU A 250 36.15 14.32 1.32
CA GLU A 250 36.73 15.71 1.23
C GLU A 250 35.72 16.67 0.55
N GLU A 251 34.66 16.15 -0.07
CA GLU A 251 33.69 16.97 -0.83
C GLU A 251 32.39 17.08 -0.05
N ARG A 252 32.35 16.60 1.18
CA ARG A 252 31.05 16.47 1.92
C ARG A 252 30.27 17.80 1.80
N GLU A 253 30.95 18.93 1.98
CA GLU A 253 30.26 20.22 2.16
C GLU A 253 29.72 20.74 0.82
N GLN A 254 30.02 20.08 -0.30
CA GLN A 254 29.49 20.40 -1.66
C GLN A 254 28.13 19.77 -1.87
N TYR A 255 27.61 19.01 -0.92
CA TYR A 255 26.38 18.26 -1.14
C TYR A 255 25.32 18.81 -0.23
N ARG A 256 24.14 18.99 -0.79
CA ARG A 256 22.96 19.32 0.00
C ARG A 256 21.74 18.69 -0.65
N CYS A 257 20.73 18.54 0.19
CA CYS A 257 19.44 17.93 -0.09
C CYS A 257 18.36 19.00 -0.12
N ARG A 258 17.64 19.10 -1.24
CA ARG A 258 16.51 20.03 -1.45
C ARG A 258 15.24 19.23 -1.26
N VAL A 259 14.35 19.74 -0.44
CA VAL A 259 13.03 19.15 -0.17
C VAL A 259 11.94 20.21 -0.32
N GLU A 260 10.91 19.82 -1.04
CA GLU A 260 9.74 20.68 -1.29
C GLU A 260 8.54 19.78 -0.98
N HIS A 261 7.60 20.33 -0.24
CA HIS A 261 6.39 19.61 0.19
C HIS A 261 5.34 20.67 0.44
N PRO A 262 4.07 20.39 0.08
CA PRO A 262 2.99 21.35 0.26
C PRO A 262 2.79 21.88 1.69
N GLY A 263 3.22 21.12 2.71
CA GLY A 263 3.14 21.52 4.14
C GLY A 263 4.26 22.47 4.60
N MET A 264 5.20 22.81 3.73
CA MET A 264 6.37 23.66 4.01
C MET A 264 6.12 24.95 3.25
N PRO A 265 6.02 26.10 3.93
CA PRO A 265 5.84 27.37 3.22
C PRO A 265 6.95 27.66 2.20
N GLU A 266 8.16 27.19 2.46
CA GLU A 266 9.31 27.40 1.56
C GLU A 266 10.01 26.07 1.34
N PRO A 267 10.64 25.84 0.18
CA PRO A 267 11.59 24.73 0.05
C PRO A 267 12.70 24.85 1.11
N GLY A 268 13.15 23.73 1.62
CA GLY A 268 14.28 23.67 2.56
C GLY A 268 15.47 23.05 1.87
N ILE A 269 16.66 23.43 2.34
CA ILE A 269 17.97 22.86 1.96
C ILE A 269 18.63 22.34 3.23
N PHE A 270 19.15 21.11 3.16
CA PHE A 270 19.66 20.29 4.28
C PHE A 270 21.06 19.85 3.86
N ALA A 271 22.04 19.98 4.75
CA ALA A 271 23.39 19.37 4.64
C ALA A 271 23.66 18.52 5.88
N TRP A 272 24.60 17.61 5.76
CA TRP A 272 25.12 16.81 6.87
C TRP A 272 25.77 17.81 7.84
N GLU A 273 25.32 17.87 9.07
CA GLU A 273 26.02 18.62 10.16
C GLU A 273 26.47 17.55 11.16
N PRO A 274 27.62 16.88 10.90
CA PRO A 274 28.00 15.64 11.61
C PRO A 274 27.45 15.44 13.04
N TYR B 19 16.18 -21.21 -11.42
CA TYR B 19 14.73 -21.27 -11.02
C TYR B 19 14.40 -20.12 -10.04
N PHE B 20 15.32 -19.77 -9.11
CA PHE B 20 15.15 -18.71 -8.07
C PHE B 20 15.50 -17.32 -8.65
N GLN B 21 16.59 -17.26 -9.43
CA GLN B 21 16.92 -16.16 -10.40
C GLN B 21 15.66 -15.83 -11.22
N SER B 22 15.02 -16.89 -11.73
CA SER B 22 13.82 -16.89 -12.59
C SER B 22 12.56 -16.38 -11.86
N MET B 23 12.63 -16.14 -10.54
CA MET B 23 11.43 -15.76 -9.72
C MET B 23 11.62 -14.38 -9.07
N ALA B 24 12.63 -13.59 -9.46
CA ALA B 24 12.94 -12.23 -8.92
C ALA B 24 11.71 -11.30 -8.95
N GLY B 25 10.81 -11.46 -9.96
CA GLY B 25 9.63 -10.60 -10.24
C GLY B 25 8.53 -10.65 -9.18
N GLU B 26 8.49 -11.70 -8.32
CA GLU B 26 7.51 -11.96 -7.22
C GLU B 26 8.24 -11.92 -5.85
N ALA B 27 9.52 -11.54 -5.84
CA ALA B 27 10.41 -11.60 -4.66
C ALA B 27 10.31 -10.26 -3.91
N PRO B 28 10.09 -10.25 -2.57
CA PRO B 28 9.86 -9.00 -1.85
C PRO B 28 11.03 -8.01 -1.83
N LYS B 29 10.67 -6.72 -1.98
CA LYS B 29 11.44 -5.50 -1.73
C LYS B 29 11.12 -5.06 -0.32
N VAL B 30 12.12 -4.66 0.46
CA VAL B 30 11.98 -4.33 1.90
C VAL B 30 12.56 -2.95 2.19
N GLU B 31 11.81 -2.11 2.87
CA GLU B 31 12.22 -0.78 3.37
C GLU B 31 11.98 -0.85 4.88
N VAL B 32 12.99 -0.44 5.61
CA VAL B 32 13.03 -0.43 7.10
C VAL B 32 13.31 1.02 7.48
N TYR B 33 12.45 1.61 8.31
CA TYR B 33 12.52 3.06 8.58
C TYR B 33 11.75 3.37 9.83
N ALA B 34 12.17 4.40 10.54
CA ALA B 34 11.50 4.91 11.76
C ALA B 34 10.45 5.94 11.38
N ARG B 35 9.41 6.06 12.20
CA ARG B 35 8.37 7.13 12.09
C ARG B 35 9.07 8.48 12.17
N SER B 36 10.09 8.58 13.00
CA SER B 36 10.77 9.85 13.36
C SER B 36 12.27 9.70 13.42
N ARG B 37 12.95 10.82 13.28
CA ARG B 37 14.38 10.97 13.60
C ARG B 37 14.61 10.39 14.99
N ALA B 38 15.48 9.38 15.09
CA ALA B 38 15.87 8.70 16.33
C ALA B 38 16.56 9.69 17.27
N GLU B 39 16.22 9.62 18.57
CA GLU B 39 16.84 10.40 19.65
C GLU B 39 17.08 9.36 20.75
N GLU B 40 18.29 9.26 21.29
CA GLU B 40 18.68 8.18 22.23
C GLU B 40 17.67 8.01 23.37
N GLY B 41 17.21 6.78 23.54
CA GLY B 41 16.25 6.43 24.60
C GLY B 41 14.92 7.16 24.44
N LYS B 42 14.53 7.64 23.25
CA LYS B 42 13.22 8.30 23.09
C LYS B 42 12.37 7.43 22.17
N GLU B 43 11.11 7.24 22.53
CA GLU B 43 10.24 6.19 21.98
C GLU B 43 9.90 6.57 20.54
N ASN B 44 9.71 5.57 19.67
CA ASN B 44 9.65 5.77 18.21
C ASN B 44 8.86 4.60 17.66
N ILE B 45 8.71 4.46 16.36
CA ILE B 45 8.11 3.25 15.74
C ILE B 45 8.99 2.75 14.62
N LEU B 46 9.33 1.48 14.65
CA LEU B 46 10.10 0.84 13.59
C LEU B 46 9.14 0.15 12.62
N HIS B 47 9.29 0.44 11.33
CA HIS B 47 8.45 -0.10 10.24
C HIS B 47 9.30 -0.94 9.32
N CYS B 48 8.66 -1.97 8.81
CA CYS B 48 9.26 -2.81 7.76
C CYS B 48 8.20 -2.91 6.67
N PHE B 49 8.38 -2.25 5.53
CA PHE B 49 7.36 -2.19 4.46
C PHE B 49 7.80 -3.15 3.38
N ILE B 50 7.01 -4.19 3.18
CA ILE B 50 7.41 -5.26 2.24
C ILE B 50 6.45 -5.21 1.04
N THR B 51 6.99 -5.16 -0.16
CA THR B 51 6.21 -5.02 -1.40
C THR B 51 6.72 -5.95 -2.48
N GLY B 52 5.89 -6.20 -3.47
CA GLY B 52 6.29 -6.82 -4.72
C GLY B 52 6.27 -8.31 -4.65
N PHE B 53 5.62 -8.90 -3.64
CA PHE B 53 5.69 -10.36 -3.45
C PHE B 53 4.35 -11.02 -3.81
N HIS B 54 4.48 -12.21 -4.36
CA HIS B 54 3.41 -13.19 -4.67
C HIS B 54 4.02 -14.57 -4.50
N PRO B 55 3.34 -15.58 -3.89
CA PRO B 55 2.03 -15.44 -3.25
C PRO B 55 2.08 -14.72 -1.92
N PRO B 56 0.93 -14.49 -1.25
CA PRO B 56 0.88 -13.64 -0.06
C PRO B 56 1.45 -14.18 1.28
N LYS B 57 1.76 -15.47 1.42
CA LYS B 57 2.32 -16.02 2.70
C LYS B 57 3.79 -15.55 2.76
N ILE B 58 4.24 -15.00 3.88
CA ILE B 58 5.58 -14.40 4.11
C ILE B 58 5.87 -14.37 5.62
N ASP B 59 7.06 -14.81 6.06
CA ASP B 59 7.54 -14.78 7.48
C ASP B 59 8.36 -13.50 7.66
N VAL B 60 7.91 -12.59 8.51
CA VAL B 60 8.60 -11.32 8.84
C VAL B 60 8.75 -11.27 10.36
N GLU B 61 9.97 -11.03 10.85
CA GLU B 61 10.30 -10.80 12.28
C GLU B 61 11.04 -9.46 12.37
N LEU B 62 10.71 -8.65 13.38
CA LEU B 62 11.44 -7.41 13.76
C LEU B 62 12.32 -7.78 14.96
N LEU B 63 13.63 -7.47 14.89
CA LEU B 63 14.63 -7.96 15.86
C LEU B 63 15.44 -6.81 16.46
N LYS B 64 15.66 -6.83 17.78
CA LYS B 64 16.63 -5.99 18.50
C LYS B 64 17.80 -6.91 18.87
N ASN B 65 18.99 -6.65 18.31
CA ASN B 65 20.21 -7.42 18.60
C ASN B 65 19.89 -8.89 18.41
N GLY B 66 19.14 -9.19 17.35
CA GLY B 66 18.80 -10.57 16.93
C GLY B 66 17.78 -11.28 17.82
N GLU B 67 17.01 -10.56 18.66
CA GLU B 67 15.92 -11.13 19.49
C GLU B 67 14.61 -10.51 19.03
N PRO B 68 13.54 -11.34 18.83
CA PRO B 68 12.24 -10.84 18.38
C PRO B 68 11.76 -9.78 19.35
N MET B 69 11.35 -8.65 18.81
CA MET B 69 10.80 -7.52 19.58
C MET B 69 9.36 -7.83 19.92
N PRO B 70 8.90 -7.46 21.13
CA PRO B 70 7.51 -7.71 21.54
C PRO B 70 6.54 -6.61 21.05
N GLY B 71 5.32 -6.98 20.69
CA GLY B 71 4.23 -6.03 20.35
C GLY B 71 4.29 -5.58 18.91
N VAL B 72 4.75 -6.46 18.02
CA VAL B 72 4.80 -6.26 16.55
C VAL B 72 3.39 -6.34 15.96
N THR B 73 3.00 -5.37 15.14
CA THR B 73 1.68 -5.34 14.48
C THR B 73 1.92 -5.64 13.01
N TYR B 74 1.18 -6.61 12.49
CA TYR B 74 1.16 -6.99 11.06
C TYR B 74 -0.02 -6.24 10.47
N GLY B 75 0.21 -5.05 9.91
CA GLY B 75 -0.79 -4.41 9.01
C GLY B 75 -1.40 -5.39 7.99
N ASP B 76 -2.59 -5.10 7.45
CA ASP B 76 -3.23 -6.05 6.49
C ASP B 76 -2.54 -5.95 5.10
N LEU B 77 -2.64 -7.06 4.36
CA LEU B 77 -2.34 -7.14 2.93
C LEU B 77 -3.05 -6.06 2.13
N SER B 78 -2.31 -5.53 1.21
CA SER B 78 -2.79 -4.70 0.09
C SER B 78 -2.07 -5.24 -1.16
N PHE B 79 -2.28 -4.67 -2.33
CA PHE B 79 -1.55 -5.10 -3.54
C PHE B 79 -1.48 -3.92 -4.48
N ASN B 80 -0.64 -4.01 -5.51
CA ASN B 80 -0.42 -2.87 -6.45
C ASN B 80 -1.08 -3.21 -7.79
N ASP B 81 -0.74 -2.40 -8.81
CA ASP B 81 -1.29 -2.43 -10.18
C ASP B 81 -0.85 -3.70 -10.91
N LYS B 82 0.08 -4.48 -10.35
CA LYS B 82 0.55 -5.73 -11.00
C LYS B 82 0.10 -6.93 -10.19
N TRP B 83 -0.71 -6.71 -9.14
CA TRP B 83 -1.27 -7.76 -8.24
C TRP B 83 -0.19 -8.32 -7.33
N GLN B 84 0.84 -7.56 -7.05
CA GLN B 84 1.89 -8.02 -6.10
C GLN B 84 1.48 -7.51 -4.73
N PHE B 85 1.67 -8.34 -3.72
CA PHE B 85 1.22 -8.01 -2.36
C PHE B 85 2.18 -7.03 -1.71
N GLN B 86 1.66 -6.32 -0.74
CA GLN B 86 2.41 -5.47 0.20
C GLN B 86 1.84 -5.63 1.61
N ARG B 87 2.73 -5.43 2.58
CA ARG B 87 2.39 -5.48 4.01
C ARG B 87 3.27 -4.48 4.77
N LEU B 88 2.67 -3.68 5.61
CA LEU B 88 3.38 -2.86 6.61
C LEU B 88 3.41 -3.60 7.94
N VAL B 89 4.61 -3.82 8.45
CA VAL B 89 4.88 -4.43 9.77
C VAL B 89 5.57 -3.42 10.66
N TYR B 90 5.20 -3.28 11.93
CA TYR B 90 5.72 -2.20 12.76
C TYR B 90 5.55 -2.50 14.24
N VAL B 91 6.39 -1.83 15.02
CA VAL B 91 6.62 -2.03 16.46
C VAL B 91 7.16 -0.76 17.11
N PRO B 92 6.60 -0.42 18.28
CA PRO B 92 7.19 0.59 19.14
C PRO B 92 8.61 0.14 19.44
N PHE B 93 9.55 1.07 19.40
CA PHE B 93 10.92 0.78 19.86
C PHE B 93 11.54 2.04 20.42
N ILE B 94 12.69 1.82 20.99
CA ILE B 94 13.50 2.85 21.68
C ILE B 94 14.90 2.74 21.13
N PRO B 95 15.24 3.46 20.06
CA PRO B 95 16.54 3.34 19.45
C PRO B 95 17.61 3.71 20.47
N THR B 96 18.70 2.95 20.53
CA THR B 96 19.95 3.46 21.14
C THR B 96 21.04 3.42 20.06
N ARG B 97 22.08 4.21 20.24
CA ARG B 97 23.30 4.10 19.41
C ARG B 97 23.90 2.70 19.53
N GLU B 98 23.60 1.92 20.58
CA GLU B 98 24.31 0.64 20.85
C GLU B 98 23.61 -0.57 20.20
N ASP B 99 22.40 -0.43 19.68
CA ASP B 99 21.55 -1.58 19.25
C ASP B 99 21.48 -1.70 17.72
N ILE B 100 21.27 -2.91 17.24
CA ILE B 100 21.00 -3.20 15.80
C ILE B 100 19.56 -3.70 15.70
N PHE B 101 18.76 -3.02 14.89
CA PHE B 101 17.35 -3.35 14.60
C PHE B 101 17.32 -3.85 13.17
N THR B 102 16.87 -5.10 12.97
CA THR B 102 16.75 -5.79 11.68
C THR B 102 15.29 -6.17 11.47
N CYS B 103 14.92 -6.43 10.22
CA CYS B 103 13.66 -7.09 9.78
C CYS B 103 14.09 -8.35 9.02
N ARG B 104 13.92 -9.57 9.56
CA ARG B 104 14.22 -10.83 8.82
C ARG B 104 12.94 -11.19 8.06
N VAL B 105 13.05 -11.48 6.76
CA VAL B 105 11.95 -11.82 5.85
C VAL B 105 12.35 -13.11 5.18
N ALA B 106 11.42 -14.07 5.13
CA ALA B 106 11.52 -15.34 4.37
C ALA B 106 10.25 -15.45 3.52
N HIS B 107 10.42 -15.75 2.25
CA HIS B 107 9.32 -15.98 1.27
C HIS B 107 9.71 -17.17 0.41
N SER B 108 8.77 -17.78 -0.31
CA SER B 108 9.02 -18.97 -1.17
C SER B 108 9.80 -18.60 -2.44
N THR B 109 9.83 -17.34 -2.84
CA THR B 109 10.60 -16.89 -4.03
C THR B 109 12.09 -16.72 -3.69
N MET B 110 12.44 -16.69 -2.40
CA MET B 110 13.82 -16.55 -1.89
C MET B 110 14.38 -17.92 -1.48
N PRO B 111 15.66 -18.24 -1.84
CA PRO B 111 16.29 -19.50 -1.43
C PRO B 111 16.69 -19.51 0.05
N GLU B 112 16.72 -18.35 0.70
CA GLU B 112 17.05 -18.22 2.15
C GLU B 112 16.59 -16.88 2.71
N PRO B 113 16.36 -16.81 4.03
CA PRO B 113 15.91 -15.60 4.70
C PRO B 113 16.96 -14.50 4.60
N ARG B 114 16.51 -13.27 4.35
CA ARG B 114 17.36 -12.07 4.22
C ARG B 114 17.03 -11.18 5.42
N SER B 115 18.04 -10.56 6.00
CA SER B 115 17.93 -9.61 7.11
C SER B 115 18.21 -8.21 6.53
N TYR B 116 17.40 -7.24 6.91
CA TYR B 116 17.47 -5.84 6.47
C TYR B 116 17.61 -4.96 7.71
N ARG B 117 18.68 -4.19 7.74
CA ARG B 117 19.07 -3.47 8.96
C ARG B 117 18.40 -2.10 8.91
N TRP B 118 17.84 -1.65 10.00
CA TRP B 118 17.52 -0.22 10.12
C TRP B 118 18.80 0.63 10.20
N GLU B 119 18.92 1.59 9.29
CA GLU B 119 20.09 2.51 9.18
C GLU B 119 19.88 3.65 10.18
N PRO B 120 20.65 3.70 11.28
CA PRO B 120 20.33 4.64 12.35
C PRO B 120 20.54 6.07 11.84
N ASP B 121 19.60 6.95 12.18
CA ASP B 121 19.58 8.38 11.78
C ASP B 121 19.24 9.19 13.04
N PHE B 122 20.28 9.49 13.80
CA PHE B 122 20.21 9.92 15.22
C PHE B 122 20.26 11.46 15.33
N MET C 1 -24.45 1.83 -2.57
CA MET C 1 -24.33 1.40 -1.12
C MET C 1 -22.85 1.33 -0.70
N THR C 2 -21.99 2.00 -1.48
CA THR C 2 -20.52 2.25 -1.31
C THR C 2 -19.71 1.00 -1.63
N MET C 3 -19.79 -0.09 -0.89
CA MET C 3 -19.21 -1.33 -1.42
C MET C 3 -20.29 -2.02 -2.26
N ILE C 4 -19.88 -2.84 -3.21
CA ILE C 4 -20.80 -3.75 -3.92
C ILE C 4 -20.20 -5.15 -3.89
N THR C 5 -21.08 -6.14 -3.89
CA THR C 5 -20.68 -7.54 -4.06
C THR C 5 -20.13 -7.68 -5.48
N PRO C 6 -19.11 -8.54 -5.64
CA PRO C 6 -18.56 -8.82 -6.96
C PRO C 6 -19.57 -9.65 -7.72
N PRO C 7 -19.61 -9.64 -9.08
CA PRO C 7 -20.42 -10.55 -9.84
C PRO C 7 -19.71 -11.90 -9.77
N THR C 8 -20.50 -12.96 -9.82
CA THR C 8 -20.05 -14.37 -9.68
C THR C 8 -19.34 -14.73 -10.99
N PHE C 9 -18.31 -15.57 -10.95
CA PHE C 9 -17.50 -15.96 -12.14
C PHE C 9 -18.15 -17.17 -12.84
C ACT D . -4.51 -0.56 -7.76
O ACT D . -4.44 -1.56 -8.51
OXT ACT D . -5.05 0.51 -8.09
CH3 ACT D . -3.92 -0.68 -6.35
S SO4 E . 5.64 15.77 11.45
O1 SO4 E . 5.00 17.04 11.20
O2 SO4 E . 4.66 14.69 11.33
O3 SO4 E . 6.72 15.57 10.48
O4 SO4 E . 6.21 15.74 12.77
#